data_7L7A
#
_entry.id   7L7A
#
_entity_poly.entity_id   1
_entity_poly.type   'polypeptide(L)'
_entity_poly.pdbx_seq_one_letter_code
;GCCPAPLTCHCVIY
;
_entity_poly.pdbx_strand_id   A
#
# COMPACT_ATOMS: atom_id res chain seq x y z
N GLY A 1 -6.71 -2.87 2.82
CA GLY A 1 -5.57 -2.08 3.37
C GLY A 1 -4.63 -1.68 2.24
N CYS A 2 -3.98 -0.55 2.37
CA CYS A 2 -3.04 -0.10 1.29
C CYS A 2 -1.74 -0.92 1.38
N CYS A 3 -0.61 -0.33 1.12
CA CYS A 3 0.66 -1.12 1.21
C CYS A 3 1.23 -0.98 2.63
N PRO A 4 1.99 -1.97 3.02
CA PRO A 4 2.61 -1.98 4.38
C PRO A 4 3.76 -0.97 4.43
N ALA A 5 4.24 -0.55 3.30
CA ALA A 5 5.36 0.44 3.26
C ALA A 5 5.24 1.47 4.41
N PRO A 6 4.11 2.12 4.52
CA PRO A 6 2.96 1.92 3.61
C PRO A 6 3.04 2.82 2.38
N LEU A 7 2.33 2.46 1.35
CA LEU A 7 2.33 3.29 0.11
C LEU A 7 0.89 3.60 -0.29
N THR A 8 0.71 4.38 -1.32
CA THR A 8 -0.66 4.71 -1.75
C THR A 8 -1.51 3.44 -1.76
N CYS A 9 -2.79 3.55 -1.55
CA CYS A 9 -3.65 2.34 -1.53
C CYS A 9 -3.85 1.80 -2.96
N HIS A 10 -3.24 2.43 -3.91
CA HIS A 10 -3.35 1.94 -5.32
C HIS A 10 -2.24 0.92 -5.55
N CYS A 11 -1.25 0.93 -4.70
CA CYS A 11 -0.13 -0.04 -4.81
C CYS A 11 -0.48 -1.29 -4.01
N VAL A 12 -1.06 -1.09 -2.86
CA VAL A 12 -1.45 -2.21 -1.95
C VAL A 12 -0.55 -3.43 -2.19
N ILE A 13 0.45 -3.62 -1.38
CA ILE A 13 1.33 -4.80 -1.58
C ILE A 13 0.76 -6.00 -0.82
N TYR A 14 -0.52 -6.23 -1.01
CA TYR A 14 -1.17 -7.38 -0.33
C TYR A 14 -2.58 -7.57 -0.85
N GLY A 1 -1.75 5.13 2.52
CA GLY A 1 -0.77 4.17 3.09
C GLY A 1 -1.44 2.80 3.27
N CYS A 2 -1.87 2.21 2.18
CA CYS A 2 -2.53 0.88 2.28
C CYS A 2 -1.50 -0.25 2.16
N CYS A 3 -0.48 -0.05 1.37
CA CYS A 3 0.56 -1.12 1.23
C CYS A 3 1.23 -1.32 2.59
N PRO A 4 2.04 -2.34 2.69
CA PRO A 4 2.77 -2.61 3.96
C PRO A 4 3.93 -1.59 4.09
N ALA A 5 4.10 -0.78 3.09
CA ALA A 5 5.19 0.24 3.12
C ALA A 5 5.06 1.20 4.31
N PRO A 6 3.90 1.82 4.46
CA PRO A 6 2.74 1.65 3.54
C PRO A 6 2.76 2.69 2.42
N LEU A 7 2.02 2.45 1.37
CA LEU A 7 1.97 3.43 0.25
C LEU A 7 0.52 3.71 -0.16
N THR A 8 0.32 4.37 -1.27
CA THR A 8 -1.07 4.66 -1.71
C THR A 8 -1.90 3.37 -1.78
N CYS A 9 -3.19 3.48 -1.94
CA CYS A 9 -4.03 2.24 -2.00
C CYS A 9 -3.92 1.59 -3.38
N HIS A 10 -3.23 2.22 -4.29
CA HIS A 10 -3.06 1.62 -5.64
C HIS A 10 -1.82 0.74 -5.65
N CYS A 11 -0.95 0.96 -4.70
CA CYS A 11 0.31 0.14 -4.63
C CYS A 11 0.07 -1.07 -3.74
N VAL A 12 -1.01 -1.05 -2.97
CA VAL A 12 -1.32 -2.17 -2.01
C VAL A 12 -0.50 -3.43 -2.33
N ILE A 13 0.53 -3.67 -1.57
CA ILE A 13 1.36 -4.88 -1.84
C ILE A 13 0.79 -6.07 -1.05
N TYR A 14 -0.47 -6.01 -0.70
CA TYR A 14 -1.09 -7.13 0.05
C TYR A 14 -2.61 -7.10 -0.11
N GLY A 1 0.03 4.11 2.42
CA GLY A 1 -0.92 4.03 3.57
C GLY A 1 -1.64 2.67 3.53
N CYS A 2 -1.94 2.17 2.36
CA CYS A 2 -2.64 0.86 2.26
C CYS A 2 -1.62 -0.29 2.18
N CYS A 3 -0.56 -0.11 1.43
CA CYS A 3 0.45 -1.21 1.33
C CYS A 3 1.13 -1.38 2.70
N PRO A 4 2.15 -2.19 2.74
CA PRO A 4 2.89 -2.42 3.99
C PRO A 4 3.93 -1.31 4.18
N ALA A 5 4.27 -0.64 3.10
CA ALA A 5 5.26 0.46 3.18
C ALA A 5 4.98 1.40 4.37
N PRO A 6 3.78 1.94 4.44
CA PRO A 6 2.70 1.67 3.46
C PRO A 6 2.76 2.65 2.29
N LEU A 7 2.10 2.31 1.21
CA LEU A 7 2.09 3.22 0.03
C LEU A 7 0.65 3.54 -0.37
N THR A 8 0.47 4.36 -1.37
CA THR A 8 -0.91 4.72 -1.81
C THR A 8 -1.79 3.46 -1.88
N CYS A 9 -3.08 3.62 -2.00
CA CYS A 9 -3.96 2.43 -2.07
C CYS A 9 -3.89 1.80 -3.47
N HIS A 10 -3.19 2.42 -4.37
CA HIS A 10 -3.07 1.85 -5.73
C HIS A 10 -1.88 0.89 -5.78
N CYS A 11 -1.05 0.94 -4.76
CA CYS A 11 0.13 0.03 -4.71
C CYS A 11 -0.25 -1.25 -3.97
N VAL A 12 -0.91 -1.11 -2.86
CA VAL A 12 -1.33 -2.27 -2.02
C VAL A 12 -0.49 -3.53 -2.33
N ILE A 13 0.53 -3.78 -1.56
CA ILE A 13 1.37 -4.98 -1.84
C ILE A 13 0.81 -6.19 -1.11
N TYR A 14 -0.42 -6.10 -0.66
CA TYR A 14 -1.05 -7.24 0.06
C TYR A 14 -2.49 -6.90 0.45
N GLY A 1 -2.94 2.35 6.10
CA GLY A 1 -1.76 2.09 5.22
C GLY A 1 -2.07 0.92 4.28
N CYS A 2 -2.43 1.22 3.06
CA CYS A 2 -2.75 0.12 2.10
C CYS A 2 -1.56 -0.83 1.96
N CYS A 3 -0.54 -0.44 1.25
CA CYS A 3 0.64 -1.35 1.12
C CYS A 3 1.30 -1.52 2.49
N PRO A 4 2.17 -2.49 2.57
CA PRO A 4 2.89 -2.76 3.84
C PRO A 4 3.94 -1.67 4.09
N ALA A 5 4.05 -0.73 3.20
CA ALA A 5 5.05 0.37 3.37
C ALA A 5 4.74 1.24 4.60
N PRO A 6 3.56 1.83 4.64
CA PRO A 6 2.54 1.67 3.58
C PRO A 6 2.69 2.72 2.47
N LEU A 7 2.07 2.46 1.35
CA LEU A 7 2.14 3.42 0.20
C LEU A 7 0.73 3.76 -0.28
N THR A 8 0.62 4.49 -1.35
CA THR A 8 -0.73 4.84 -1.87
C THR A 8 -1.62 3.59 -1.84
N CYS A 9 -2.91 3.76 -1.99
CA CYS A 9 -3.79 2.56 -1.96
C CYS A 9 -3.86 1.92 -3.35
N HIS A 10 -3.19 2.50 -4.31
CA HIS A 10 -3.19 1.91 -5.67
C HIS A 10 -2.04 0.91 -5.77
N CYS A 11 -1.15 0.93 -4.81
CA CYS A 11 -0.01 -0.02 -4.81
C CYS A 11 -0.41 -1.26 -4.01
N VAL A 12 -1.13 -1.06 -2.93
CA VAL A 12 -1.58 -2.18 -2.04
C VAL A 12 -0.76 -3.47 -2.24
N ILE A 13 0.44 -3.50 -1.72
CA ILE A 13 1.26 -4.74 -1.89
C ILE A 13 0.97 -5.68 -0.73
N TYR A 14 -0.29 -5.96 -0.49
CA TYR A 14 -0.66 -6.86 0.63
C TYR A 14 -0.28 -6.23 1.96
N GLY A 1 -1.35 5.22 3.09
CA GLY A 1 -0.98 4.20 4.11
C GLY A 1 -1.72 2.89 3.81
N CYS A 2 -1.84 2.54 2.56
CA CYS A 2 -2.56 1.28 2.19
C CYS A 2 -1.59 0.09 2.15
N CYS A 3 -0.60 0.15 1.31
CA CYS A 3 0.38 -0.97 1.23
C CYS A 3 1.05 -1.14 2.60
N PRO A 4 1.76 -2.23 2.76
CA PRO A 4 2.47 -2.46 4.04
C PRO A 4 3.70 -1.53 4.11
N ALA A 5 4.07 -0.99 2.98
CA ALA A 5 5.24 -0.06 2.94
C ALA A 5 5.24 0.92 4.11
N PRO A 6 4.14 1.64 4.31
CA PRO A 6 2.93 1.51 3.46
C PRO A 6 2.97 2.47 2.26
N LEU A 7 2.06 2.31 1.33
CA LEU A 7 2.03 3.22 0.15
C LEU A 7 0.58 3.47 -0.29
N THR A 8 0.40 4.25 -1.32
CA THR A 8 -0.99 4.54 -1.81
C THR A 8 -1.83 3.27 -1.88
N CYS A 9 -3.11 3.41 -2.05
CA CYS A 9 -4.01 2.21 -2.14
C CYS A 9 -3.95 1.63 -3.54
N HIS A 10 -3.24 2.26 -4.43
CA HIS A 10 -3.13 1.73 -5.82
C HIS A 10 -1.95 0.78 -5.89
N CYS A 11 -1.06 0.87 -4.93
CA CYS A 11 0.12 -0.04 -4.92
C CYS A 11 -0.25 -1.32 -4.17
N VAL A 12 -0.97 -1.18 -3.10
CA VAL A 12 -1.39 -2.35 -2.27
C VAL A 12 -0.43 -3.53 -2.45
N ILE A 13 0.61 -3.59 -1.66
CA ILE A 13 1.57 -4.72 -1.81
C ILE A 13 1.11 -5.90 -0.93
N TYR A 14 -0.13 -5.85 -0.50
CA TYR A 14 -0.67 -6.96 0.33
C TYR A 14 0.00 -6.97 1.71
N GLY A 1 -2.18 4.94 2.36
CA GLY A 1 -1.10 4.03 2.84
C GLY A 1 -1.69 2.64 3.10
N CYS A 2 -2.09 1.95 2.07
CA CYS A 2 -2.68 0.59 2.26
C CYS A 2 -1.57 -0.47 2.19
N CYS A 3 -0.53 -0.23 1.44
CA CYS A 3 0.57 -1.26 1.35
C CYS A 3 1.23 -1.38 2.74
N PRO A 4 2.31 -2.11 2.79
CA PRO A 4 3.04 -2.30 4.07
C PRO A 4 4.00 -1.14 4.30
N ALA A 5 4.38 -0.47 3.25
CA ALA A 5 5.31 0.69 3.37
C ALA A 5 4.94 1.57 4.57
N PRO A 6 3.71 2.06 4.61
CA PRO A 6 2.70 1.79 3.55
C PRO A 6 2.77 2.80 2.42
N LEU A 7 2.22 2.45 1.29
CA LEU A 7 2.25 3.38 0.12
C LEU A 7 0.81 3.66 -0.34
N THR A 8 0.64 4.51 -1.33
CA THR A 8 -0.72 4.82 -1.83
C THR A 8 -1.57 3.54 -1.86
N CYS A 9 -2.86 3.66 -1.80
CA CYS A 9 -3.69 2.43 -1.82
C CYS A 9 -3.81 1.88 -3.23
N HIS A 10 -3.12 2.48 -4.16
CA HIS A 10 -3.14 1.96 -5.54
C HIS A 10 -2.02 0.92 -5.66
N CYS A 11 -1.11 0.93 -4.71
CA CYS A 11 0.00 -0.05 -4.71
C CYS A 11 -0.43 -1.30 -3.92
N VAL A 12 -1.02 -1.08 -2.78
CA VAL A 12 -1.50 -2.18 -1.90
C VAL A 12 -0.73 -3.49 -2.16
N ILE A 13 0.37 -3.69 -1.48
CA ILE A 13 1.12 -4.96 -1.70
C ILE A 13 0.56 -6.03 -0.76
N TYR A 14 -0.46 -6.71 -1.20
CA TYR A 14 -1.14 -7.78 -0.38
C TYR A 14 -2.17 -7.15 0.56
N GLY A 1 -0.77 3.34 6.02
CA GLY A 1 -1.22 3.63 4.62
C GLY A 1 -1.79 2.36 4.00
N CYS A 2 -1.94 2.33 2.71
CA CYS A 2 -2.50 1.11 2.05
C CYS A 2 -1.45 0.00 2.02
N CYS A 3 -0.44 0.12 1.20
CA CYS A 3 0.61 -0.95 1.16
C CYS A 3 1.26 -1.04 2.54
N PRO A 4 2.07 -2.04 2.74
CA PRO A 4 2.76 -2.22 4.03
C PRO A 4 3.91 -1.20 4.14
N ALA A 5 4.25 -0.59 3.03
CA ALA A 5 5.34 0.42 3.02
C ALA A 5 5.20 1.41 4.19
N PRO A 6 4.06 2.06 4.31
CA PRO A 6 2.91 1.85 3.39
C PRO A 6 2.98 2.78 2.18
N LEU A 7 2.18 2.51 1.17
CA LEU A 7 2.18 3.37 -0.05
C LEU A 7 0.74 3.75 -0.42
N THR A 8 0.55 4.29 -1.59
CA THR A 8 -0.82 4.68 -2.02
C THR A 8 -1.72 3.43 -2.04
N CYS A 9 -3.00 3.60 -2.23
CA CYS A 9 -3.90 2.41 -2.25
C CYS A 9 -3.86 1.76 -3.63
N HIS A 10 -3.09 2.30 -4.52
CA HIS A 10 -2.97 1.68 -5.88
C HIS A 10 -1.84 0.65 -5.84
N CYS A 11 -0.93 0.83 -4.93
CA CYS A 11 0.21 -0.12 -4.80
C CYS A 11 -0.15 -1.22 -3.79
N VAL A 12 -1.19 -1.00 -3.01
CA VAL A 12 -1.62 -1.99 -1.97
C VAL A 12 -0.94 -3.34 -2.13
N ILE A 13 0.15 -3.54 -1.44
CA ILE A 13 0.88 -4.84 -1.57
C ILE A 13 0.34 -5.84 -0.56
N TYR A 14 -0.29 -6.89 -1.02
CA TYR A 14 -0.84 -7.91 -0.07
C TYR A 14 0.16 -8.18 1.04
N GLY A 1 -1.02 4.92 5.00
CA GLY A 1 -0.79 4.33 3.65
C GLY A 1 -1.55 3.02 3.52
N CYS A 2 -1.81 2.58 2.32
CA CYS A 2 -2.56 1.31 2.14
C CYS A 2 -1.60 0.12 2.05
N CYS A 3 -0.57 0.22 1.25
CA CYS A 3 0.40 -0.92 1.14
C CYS A 3 1.02 -1.19 2.51
N PRO A 4 1.78 -2.24 2.61
CA PRO A 4 2.45 -2.56 3.90
C PRO A 4 3.65 -1.63 4.09
N ALA A 5 4.04 -0.95 3.05
CA ALA A 5 5.19 0.00 3.14
C ALA A 5 5.06 0.95 4.34
N PRO A 6 3.93 1.63 4.46
CA PRO A 6 2.80 1.50 3.52
C PRO A 6 2.92 2.47 2.33
N LEU A 7 2.03 2.35 1.38
CA LEU A 7 2.06 3.27 0.20
C LEU A 7 0.63 3.61 -0.23
N THR A 8 0.46 4.29 -1.33
CA THR A 8 -0.90 4.66 -1.80
C THR A 8 -1.80 3.42 -1.87
N CYS A 9 -3.08 3.61 -2.11
CA CYS A 9 -4.01 2.45 -2.19
C CYS A 9 -3.94 1.82 -3.58
N HIS A 10 -3.19 2.40 -4.47
CA HIS A 10 -3.08 1.81 -5.83
C HIS A 10 -1.92 0.82 -5.83
N CYS A 11 -1.03 0.96 -4.89
CA CYS A 11 0.11 0.02 -4.78
C CYS A 11 -0.28 -1.13 -3.85
N VAL A 12 -1.18 -0.85 -2.92
CA VAL A 12 -1.65 -1.87 -1.92
C VAL A 12 -1.01 -3.24 -2.15
N ILE A 13 0.09 -3.49 -1.47
CA ILE A 13 0.80 -4.79 -1.66
C ILE A 13 0.37 -5.79 -0.57
N TYR A 14 0.59 -7.05 -0.81
CA TYR A 14 0.21 -8.08 0.21
C TYR A 14 1.00 -7.83 1.51
N GLY A 1 -3.08 3.14 6.00
CA GLY A 1 -1.92 2.33 5.52
C GLY A 1 -2.42 1.25 4.56
N CYS A 2 -2.31 1.48 3.28
CA CYS A 2 -2.77 0.48 2.29
C CYS A 2 -1.70 -0.60 2.10
N CYS A 3 -0.67 -0.32 1.32
CA CYS A 3 0.40 -1.35 1.13
C CYS A 3 1.06 -1.63 2.48
N PRO A 4 2.05 -2.48 2.47
CA PRO A 4 2.78 -2.80 3.71
C PRO A 4 3.83 -1.72 3.97
N ALA A 5 3.98 -0.80 3.05
CA ALA A 5 4.98 0.30 3.21
C ALA A 5 4.66 1.15 4.46
N PRO A 6 3.48 1.72 4.51
CA PRO A 6 2.47 1.59 3.44
C PRO A 6 2.59 2.69 2.39
N LEU A 7 2.08 2.45 1.22
CA LEU A 7 2.14 3.47 0.13
C LEU A 7 0.72 3.79 -0.34
N THR A 8 0.59 4.52 -1.42
CA THR A 8 -0.78 4.85 -1.91
C THR A 8 -1.66 3.60 -1.86
N CYS A 9 -2.95 3.75 -1.95
CA CYS A 9 -3.83 2.55 -1.87
C CYS A 9 -3.86 1.82 -3.22
N HIS A 10 -3.18 2.36 -4.19
CA HIS A 10 -3.14 1.67 -5.52
C HIS A 10 -1.91 0.76 -5.56
N CYS A 11 -1.00 0.96 -4.63
CA CYS A 11 0.23 0.13 -4.58
C CYS A 11 0.00 -1.09 -3.68
N VAL A 12 -1.09 -1.08 -2.93
CA VAL A 12 -1.39 -2.20 -1.98
C VAL A 12 -0.62 -3.48 -2.34
N ILE A 13 0.54 -3.66 -1.76
CA ILE A 13 1.34 -4.88 -2.05
C ILE A 13 0.94 -5.99 -1.07
N TYR A 14 -0.17 -5.80 -0.39
CA TYR A 14 -0.63 -6.83 0.59
C TYR A 14 0.42 -7.01 1.70
N GLY A 1 -5.58 -1.88 4.03
CA GLY A 1 -6.17 -1.10 2.92
C GLY A 1 -5.07 -0.66 1.96
N CYS A 2 -4.12 0.09 2.44
CA CYS A 2 -3.01 0.55 1.56
C CYS A 2 -1.86 -0.46 1.59
N CYS A 3 -0.68 -0.07 1.19
CA CYS A 3 0.46 -1.04 1.21
C CYS A 3 1.07 -1.10 2.61
N PRO A 4 1.83 -2.12 2.85
CA PRO A 4 2.50 -2.30 4.16
C PRO A 4 3.68 -1.33 4.25
N ALA A 5 4.13 -0.85 3.12
CA ALA A 5 5.28 0.11 3.10
C ALA A 5 5.22 1.08 4.29
N PRO A 6 4.12 1.78 4.44
CA PRO A 6 2.95 1.66 3.53
C PRO A 6 3.03 2.62 2.36
N LEU A 7 2.19 2.43 1.38
CA LEU A 7 2.18 3.34 0.19
C LEU A 7 0.73 3.61 -0.23
N THR A 8 0.54 4.43 -1.23
CA THR A 8 -0.85 4.74 -1.68
C THR A 8 -1.67 3.44 -1.73
N CYS A 9 -2.97 3.53 -1.63
CA CYS A 9 -3.80 2.29 -1.67
C CYS A 9 -3.89 1.75 -3.09
N HIS A 10 -3.25 2.38 -4.02
CA HIS A 10 -3.28 1.87 -5.42
C HIS A 10 -2.12 0.89 -5.60
N CYS A 11 -1.17 0.93 -4.71
CA CYS A 11 -0.01 0.00 -4.78
C CYS A 11 -0.33 -1.27 -3.99
N VAL A 12 -0.98 -1.10 -2.86
CA VAL A 12 -1.33 -2.25 -1.97
C VAL A 12 -0.41 -3.46 -2.22
N ILE A 13 0.64 -3.58 -1.46
CA ILE A 13 1.52 -4.76 -1.67
C ILE A 13 1.03 -5.93 -0.82
N TYR A 14 -0.27 -6.10 -0.76
CA TYR A 14 -0.84 -7.22 0.05
C TYR A 14 -2.37 -7.09 0.11
N GLY A 1 -1.80 5.43 4.14
CA GLY A 1 -0.88 4.26 4.23
C GLY A 1 -1.63 2.98 3.87
N CYS A 2 -1.77 2.70 2.59
CA CYS A 2 -2.50 1.47 2.18
C CYS A 2 -1.55 0.28 2.11
N CYS A 3 -0.61 0.32 1.21
CA CYS A 3 0.36 -0.83 1.11
C CYS A 3 1.01 -1.02 2.49
N PRO A 4 1.73 -2.10 2.65
CA PRO A 4 2.42 -2.35 3.92
C PRO A 4 3.64 -1.43 4.04
N ALA A 5 4.04 -0.87 2.93
CA ALA A 5 5.22 0.06 2.92
C ALA A 5 5.19 1.03 4.13
N PRO A 6 4.10 1.73 4.33
CA PRO A 6 2.90 1.64 3.45
C PRO A 6 2.95 2.64 2.29
N LEU A 7 2.11 2.45 1.31
CA LEU A 7 2.08 3.38 0.15
C LEU A 7 0.63 3.71 -0.23
N THR A 8 0.42 4.26 -1.40
CA THR A 8 -0.97 4.61 -1.82
C THR A 8 -1.84 3.34 -1.86
N CYS A 9 -3.12 3.48 -2.10
CA CYS A 9 -4.01 2.30 -2.15
C CYS A 9 -3.93 1.63 -3.53
N HIS A 10 -3.18 2.20 -4.43
CA HIS A 10 -3.05 1.59 -5.78
C HIS A 10 -1.87 0.61 -5.77
N CYS A 11 -0.93 0.83 -4.87
CA CYS A 11 0.25 -0.06 -4.78
C CYS A 11 -0.03 -1.20 -3.79
N VAL A 12 -1.12 -1.10 -3.05
CA VAL A 12 -1.48 -2.12 -2.02
C VAL A 12 -0.69 -3.43 -2.21
N ILE A 13 0.38 -3.60 -1.47
CA ILE A 13 1.17 -4.85 -1.63
C ILE A 13 0.71 -5.90 -0.61
N TYR A 14 -0.01 -6.89 -1.05
CA TYR A 14 -0.50 -7.94 -0.12
C TYR A 14 0.69 -8.62 0.56
N GLY A 1 -1.57 5.40 3.67
CA GLY A 1 -0.78 4.16 3.93
C GLY A 1 -1.66 2.93 3.66
N CYS A 2 -1.83 2.58 2.41
CA CYS A 2 -2.67 1.40 2.07
C CYS A 2 -1.81 0.13 2.05
N CYS A 3 -0.72 0.16 1.34
CA CYS A 3 0.16 -1.06 1.32
C CYS A 3 0.85 -1.19 2.68
N PRO A 4 1.55 -2.27 2.86
CA PRO A 4 2.29 -2.47 4.12
C PRO A 4 3.53 -1.58 4.11
N ALA A 5 3.90 -1.11 2.95
CA ALA A 5 5.09 -0.21 2.83
C ALA A 5 5.18 0.78 4.00
N PRO A 6 4.13 1.52 4.25
CA PRO A 6 2.86 1.45 3.46
C PRO A 6 2.85 2.48 2.33
N LEU A 7 2.16 2.17 1.26
CA LEU A 7 2.09 3.13 0.13
C LEU A 7 0.64 3.47 -0.19
N THR A 8 0.39 4.07 -1.32
CA THR A 8 -1.00 4.44 -1.69
C THR A 8 -1.88 3.20 -1.90
N CYS A 9 -3.17 3.40 -2.02
CA CYS A 9 -4.09 2.24 -2.23
C CYS A 9 -3.94 1.71 -3.65
N HIS A 10 -3.18 2.38 -4.47
CA HIS A 10 -2.97 1.89 -5.86
C HIS A 10 -1.79 0.93 -5.84
N CYS A 11 -0.97 1.01 -4.83
CA CYS A 11 0.20 0.09 -4.73
C CYS A 11 -0.22 -1.16 -3.96
N VAL A 12 -1.02 -0.98 -2.93
CA VAL A 12 -1.48 -2.12 -2.05
C VAL A 12 -0.85 -3.45 -2.49
N ILE A 13 0.34 -3.72 -2.02
CA ILE A 13 1.02 -4.98 -2.43
C ILE A 13 0.77 -6.10 -1.42
N TYR A 14 0.56 -5.78 -0.19
CA TYR A 14 0.32 -6.83 0.84
C TYR A 14 -0.37 -6.24 2.07
N GLY A 1 -4.43 0.50 6.20
CA GLY A 1 -4.38 1.65 5.25
C GLY A 1 -4.21 1.13 3.83
N CYS A 2 -3.25 1.66 3.11
CA CYS A 2 -3.03 1.21 1.70
C CYS A 2 -2.04 0.03 1.68
N CYS A 3 -0.82 0.25 1.24
CA CYS A 3 0.16 -0.89 1.21
C CYS A 3 0.75 -1.07 2.61
N PRO A 4 1.48 -2.14 2.77
CA PRO A 4 2.14 -2.41 4.08
C PRO A 4 3.42 -1.58 4.18
N ALA A 5 3.90 -1.12 3.05
CA ALA A 5 5.13 -0.29 3.04
C ALA A 5 5.19 0.68 4.23
N PRO A 6 4.14 1.49 4.39
CA PRO A 6 2.96 1.48 3.48
C PRO A 6 3.14 2.45 2.32
N LEU A 7 2.24 2.38 1.36
CA LEU A 7 2.31 3.30 0.19
C LEU A 7 0.90 3.78 -0.17
N THR A 8 0.66 4.13 -1.41
CA THR A 8 -0.70 4.58 -1.79
C THR A 8 -1.65 3.40 -1.90
N CYS A 9 -2.92 3.62 -1.74
CA CYS A 9 -3.90 2.48 -1.83
C CYS A 9 -3.96 1.94 -3.25
N HIS A 10 -3.26 2.55 -4.17
CA HIS A 10 -3.24 2.04 -5.55
C HIS A 10 -2.12 1.01 -5.66
N CYS A 11 -1.19 1.06 -4.74
CA CYS A 11 -0.07 0.08 -4.73
C CYS A 11 -0.49 -1.11 -3.86
N VAL A 12 -1.15 -0.83 -2.76
CA VAL A 12 -1.60 -1.88 -1.80
C VAL A 12 -0.90 -3.22 -2.08
N ILE A 13 0.21 -3.46 -1.43
CA ILE A 13 0.94 -4.74 -1.67
C ILE A 13 0.66 -5.74 -0.55
N TYR A 14 0.93 -6.98 -0.78
CA TYR A 14 0.69 -8.01 0.27
C TYR A 14 1.72 -7.88 1.39
N GLY A 1 -2.62 4.55 5.27
CA GLY A 1 -1.52 3.73 4.69
C GLY A 1 -2.09 2.43 4.14
N CYS A 2 -2.00 2.22 2.85
CA CYS A 2 -2.55 0.96 2.26
C CYS A 2 -1.48 -0.13 2.25
N CYS A 3 -0.52 -0.04 1.38
CA CYS A 3 0.56 -1.09 1.34
C CYS A 3 1.27 -1.10 2.71
N PRO A 4 2.05 -2.12 2.93
CA PRO A 4 2.81 -2.22 4.20
C PRO A 4 3.96 -1.21 4.16
N ALA A 5 4.24 -0.68 2.99
CA ALA A 5 5.34 0.31 2.84
C ALA A 5 5.33 1.34 3.98
N PRO A 6 4.23 2.04 4.14
CA PRO A 6 3.02 1.87 3.29
C PRO A 6 3.04 2.80 2.08
N LEU A 7 2.24 2.51 1.08
CA LEU A 7 2.21 3.40 -0.11
C LEU A 7 0.76 3.59 -0.59
N THR A 8 0.57 4.46 -1.56
CA THR A 8 -0.81 4.72 -2.08
C THR A 8 -1.64 3.43 -2.11
N CYS A 9 -2.93 3.54 -2.13
CA CYS A 9 -3.79 2.33 -2.18
C CYS A 9 -3.75 1.71 -3.57
N HIS A 10 -3.03 2.31 -4.47
CA HIS A 10 -2.94 1.74 -5.85
C HIS A 10 -1.78 0.75 -5.87
N CYS A 11 -0.92 0.82 -4.88
CA CYS A 11 0.22 -0.11 -4.81
C CYS A 11 -0.19 -1.35 -4.02
N VAL A 12 -1.10 -1.16 -3.08
CA VAL A 12 -1.61 -2.28 -2.22
C VAL A 12 -0.75 -3.54 -2.34
N ILE A 13 0.33 -3.62 -1.60
CA ILE A 13 1.18 -4.84 -1.71
C ILE A 13 0.67 -5.89 -0.71
N TYR A 14 -0.53 -6.36 -0.91
CA TYR A 14 -1.11 -7.38 0.01
C TYR A 14 -0.76 -7.04 1.46
N GLY A 1 -6.82 -0.18 3.54
CA GLY A 1 -5.56 -0.96 3.74
C GLY A 1 -4.68 -0.84 2.49
N CYS A 2 -3.95 0.24 2.38
CA CYS A 2 -3.07 0.41 1.19
C CYS A 2 -1.91 -0.59 1.25
N CYS A 3 -0.69 -0.15 1.04
CA CYS A 3 0.46 -1.09 1.11
C CYS A 3 1.03 -1.13 2.52
N PRO A 4 1.78 -2.16 2.80
CA PRO A 4 2.41 -2.32 4.13
C PRO A 4 3.61 -1.39 4.24
N ALA A 5 4.10 -0.95 3.12
CA ALA A 5 5.27 -0.02 3.10
C ALA A 5 5.22 0.96 4.29
N PRO A 6 4.12 1.67 4.44
CA PRO A 6 2.95 1.55 3.55
C PRO A 6 3.02 2.55 2.38
N LEU A 7 2.19 2.36 1.39
CA LEU A 7 2.19 3.29 0.22
C LEU A 7 0.74 3.60 -0.18
N THR A 8 0.55 4.42 -1.17
CA THR A 8 -0.84 4.76 -1.60
C THR A 8 -1.68 3.47 -1.66
N CYS A 9 -2.98 3.60 -1.60
CA CYS A 9 -3.84 2.39 -1.62
C CYS A 9 -3.93 1.83 -3.05
N HIS A 10 -3.28 2.46 -3.99
CA HIS A 10 -3.31 1.94 -5.38
C HIS A 10 -2.16 0.95 -5.58
N CYS A 11 -1.21 0.99 -4.71
CA CYS A 11 -0.05 0.06 -4.81
C CYS A 11 -0.35 -1.22 -4.02
N VAL A 12 -0.97 -1.06 -2.87
CA VAL A 12 -1.31 -2.22 -1.98
C VAL A 12 -0.41 -3.42 -2.27
N ILE A 13 0.64 -3.61 -1.52
CA ILE A 13 1.54 -4.77 -1.78
C ILE A 13 1.04 -5.98 -1.00
N TYR A 14 -0.05 -5.84 -0.29
CA TYR A 14 -0.61 -6.98 0.49
C TYR A 14 -1.88 -6.56 1.23
N GLY A 1 -0.99 4.43 5.57
CA GLY A 1 -0.86 4.13 4.11
C GLY A 1 -1.61 2.84 3.78
N CYS A 2 -1.80 2.56 2.52
CA CYS A 2 -2.53 1.32 2.13
C CYS A 2 -1.57 0.13 2.04
N CYS A 3 -0.58 0.21 1.19
CA CYS A 3 0.39 -0.93 1.08
C CYS A 3 1.04 -1.14 2.45
N PRO A 4 1.74 -2.23 2.59
CA PRO A 4 2.46 -2.50 3.85
C PRO A 4 3.69 -1.60 3.92
N ALA A 5 4.03 -0.99 2.81
CA ALA A 5 5.21 -0.08 2.75
C ALA A 5 5.25 0.88 3.96
N PRO A 6 4.17 1.58 4.24
CA PRO A 6 2.92 1.50 3.44
C PRO A 6 2.87 2.55 2.34
N LEU A 7 2.01 2.37 1.36
CA LEU A 7 1.90 3.38 0.28
C LEU A 7 0.43 3.58 -0.14
N THR A 8 0.21 4.25 -1.23
CA THR A 8 -1.18 4.49 -1.70
C THR A 8 -1.96 3.17 -1.82
N CYS A 9 -3.24 3.25 -2.04
CA CYS A 9 -4.06 2.01 -2.18
C CYS A 9 -3.90 1.42 -3.58
N HIS A 10 -3.16 2.09 -4.42
CA HIS A 10 -2.93 1.57 -5.79
C HIS A 10 -1.69 0.68 -5.78
N CYS A 11 -0.80 0.93 -4.87
CA CYS A 11 0.43 0.10 -4.77
C CYS A 11 0.17 -1.07 -3.83
N VAL A 12 -0.93 -1.02 -3.10
CA VAL A 12 -1.30 -2.10 -2.12
C VAL A 12 -0.52 -3.39 -2.40
N ILE A 13 0.54 -3.62 -1.67
CA ILE A 13 1.35 -4.85 -1.92
C ILE A 13 0.81 -6.03 -1.10
N TYR A 14 -0.20 -5.78 -0.30
CA TYR A 14 -0.78 -6.89 0.52
C TYR A 14 -1.15 -8.08 -0.38
N GLY A 1 -3.00 3.24 5.40
CA GLY A 1 -2.24 1.98 5.67
C GLY A 1 -2.57 0.94 4.60
N CYS A 2 -2.43 1.31 3.34
CA CYS A 2 -2.73 0.34 2.25
C CYS A 2 -1.59 -0.69 2.13
N CYS A 3 -0.54 -0.37 1.43
CA CYS A 3 0.59 -1.36 1.31
C CYS A 3 1.25 -1.52 2.69
N PRO A 4 2.24 -2.38 2.76
CA PRO A 4 2.95 -2.59 4.03
C PRO A 4 3.97 -1.46 4.24
N ALA A 5 4.12 -0.60 3.27
CA ALA A 5 5.09 0.52 3.39
C ALA A 5 4.72 1.47 4.55
N PRO A 6 3.53 2.02 4.54
CA PRO A 6 2.54 1.77 3.45
C PRO A 6 2.67 2.79 2.32
N LEU A 7 2.12 2.46 1.19
CA LEU A 7 2.18 3.38 0.02
C LEU A 7 0.75 3.72 -0.42
N THR A 8 0.61 4.51 -1.47
CA THR A 8 -0.76 4.86 -1.93
C THR A 8 -1.63 3.60 -1.95
N CYS A 9 -2.93 3.74 -1.88
CA CYS A 9 -3.79 2.53 -1.89
C CYS A 9 -3.84 1.92 -3.28
N HIS A 10 -3.17 2.51 -4.22
CA HIS A 10 -3.15 1.93 -5.58
C HIS A 10 -1.99 0.94 -5.68
N CYS A 11 -1.12 0.95 -4.69
CA CYS A 11 0.03 0.00 -4.70
C CYS A 11 -0.39 -1.28 -3.95
N VAL A 12 -1.05 -1.10 -2.83
CA VAL A 12 -1.52 -2.26 -2.00
C VAL A 12 -0.69 -3.52 -2.27
N ILE A 13 0.44 -3.63 -1.64
CA ILE A 13 1.27 -4.86 -1.86
C ILE A 13 0.87 -5.95 -0.88
N TYR A 14 -0.41 -6.24 -0.83
CA TYR A 14 -0.89 -7.29 0.10
C TYR A 14 -0.53 -6.94 1.54
N GLY A 1 -0.86 3.15 6.21
CA GLY A 1 -1.41 3.52 4.88
C GLY A 1 -2.02 2.31 4.21
N CYS A 2 -2.04 2.29 2.89
CA CYS A 2 -2.62 1.12 2.17
C CYS A 2 -1.63 -0.03 2.13
N CYS A 3 -0.58 0.10 1.35
CA CYS A 3 0.44 -1.00 1.29
C CYS A 3 1.10 -1.14 2.67
N PRO A 4 1.97 -2.10 2.79
CA PRO A 4 2.69 -2.32 4.06
C PRO A 4 3.87 -1.35 4.13
N ALA A 5 4.12 -0.63 3.07
CA ALA A 5 5.25 0.35 3.05
C ALA A 5 5.09 1.41 4.15
N PRO A 6 3.97 2.10 4.16
CA PRO A 6 2.87 1.89 3.19
C PRO A 6 3.02 2.79 1.96
N LEU A 7 2.23 2.54 0.95
CA LEU A 7 2.29 3.39 -0.28
C LEU A 7 0.88 3.74 -0.76
N THR A 8 0.78 4.48 -1.83
CA THR A 8 -0.56 4.85 -2.35
C THR A 8 -1.50 3.65 -2.30
N CYS A 9 -2.79 3.89 -2.27
CA CYS A 9 -3.75 2.75 -2.21
C CYS A 9 -3.81 2.03 -3.56
N HIS A 10 -3.08 2.50 -4.52
CA HIS A 10 -3.08 1.82 -5.85
C HIS A 10 -1.98 0.76 -5.85
N CYS A 11 -1.11 0.81 -4.88
CA CYS A 11 -0.02 -0.20 -4.79
C CYS A 11 -0.49 -1.38 -3.94
N VAL A 12 -1.11 -1.07 -2.83
CA VAL A 12 -1.61 -2.12 -1.89
C VAL A 12 -0.84 -3.44 -2.06
N ILE A 13 0.25 -3.59 -1.36
CA ILE A 13 1.02 -4.85 -1.50
C ILE A 13 0.50 -5.89 -0.51
N TYR A 14 0.06 -7.01 -1.01
CA TYR A 14 -0.48 -8.07 -0.10
C TYR A 14 0.50 -8.36 1.03
N GLY A 1 -1.82 4.88 2.65
CA GLY A 1 -1.01 3.91 3.45
C GLY A 1 -1.65 2.53 3.40
N CYS A 2 -1.94 2.05 2.22
CA CYS A 2 -2.58 0.71 2.10
C CYS A 2 -1.51 -0.38 2.02
N CYS A 3 -0.45 -0.14 1.30
CA CYS A 3 0.63 -1.18 1.21
C CYS A 3 1.30 -1.31 2.58
N PRO A 4 2.13 -2.30 2.73
CA PRO A 4 2.84 -2.50 4.01
C PRO A 4 3.96 -1.46 4.13
N ALA A 5 4.28 -0.82 3.04
CA ALA A 5 5.35 0.22 3.06
C ALA A 5 5.20 1.17 4.26
N PRO A 6 4.05 1.78 4.43
CA PRO A 6 2.88 1.57 3.54
C PRO A 6 2.87 2.56 2.38
N LEU A 7 2.06 2.31 1.38
CA LEU A 7 1.97 3.24 0.23
C LEU A 7 0.51 3.52 -0.13
N THR A 8 0.28 4.18 -1.24
CA THR A 8 -1.11 4.50 -1.65
C THR A 8 -1.91 3.22 -1.88
N CYS A 9 -3.21 3.32 -1.96
CA CYS A 9 -4.04 2.10 -2.20
C CYS A 9 -3.88 1.64 -3.65
N HIS A 10 -3.13 2.37 -4.42
CA HIS A 10 -2.90 1.96 -5.83
C HIS A 10 -1.69 1.02 -5.86
N CYS A 11 -0.87 1.10 -4.85
CA CYS A 11 0.31 0.21 -4.77
C CYS A 11 -0.08 -1.05 -3.99
N VAL A 12 -1.03 -0.88 -3.07
CA VAL A 12 -1.53 -2.00 -2.21
C VAL A 12 -0.76 -3.31 -2.48
N ILE A 13 0.26 -3.57 -1.71
CA ILE A 13 1.04 -4.82 -1.95
C ILE A 13 0.45 -5.98 -1.15
N TYR A 14 -0.26 -5.69 -0.09
CA TYR A 14 -0.86 -6.77 0.72
C TYR A 14 0.23 -7.72 1.24
N GLY A 1 -5.58 -2.05 4.12
CA GLY A 1 -5.96 -1.75 2.72
C GLY A 1 -4.73 -1.30 1.93
N CYS A 2 -4.22 -0.13 2.23
CA CYS A 2 -3.02 0.38 1.50
C CYS A 2 -1.89 -0.66 1.60
N CYS A 3 -0.68 -0.26 1.28
CA CYS A 3 0.45 -1.24 1.36
C CYS A 3 1.05 -1.22 2.77
N PRO A 4 1.99 -2.11 2.99
CA PRO A 4 2.64 -2.20 4.33
C PRO A 4 3.71 -1.11 4.45
N ALA A 5 4.23 -0.66 3.34
CA ALA A 5 5.27 0.41 3.36
C ALA A 5 5.04 1.42 4.49
N PRO A 6 3.87 2.03 4.54
CA PRO A 6 2.80 1.79 3.54
C PRO A 6 2.91 2.72 2.34
N LEU A 7 2.27 2.38 1.26
CA LEU A 7 2.32 3.24 0.05
C LEU A 7 0.89 3.60 -0.37
N THR A 8 0.74 4.40 -1.38
CA THR A 8 -0.64 4.76 -1.84
C THR A 8 -1.53 3.51 -1.81
N CYS A 9 -2.80 3.69 -1.65
CA CYS A 9 -3.70 2.50 -1.62
C CYS A 9 -3.86 1.92 -3.02
N HIS A 10 -3.21 2.51 -4.00
CA HIS A 10 -3.29 1.97 -5.37
C HIS A 10 -2.16 0.94 -5.54
N CYS A 11 -1.23 0.93 -4.63
CA CYS A 11 -0.11 -0.05 -4.70
C CYS A 11 -0.53 -1.32 -3.95
N VAL A 12 -1.12 -1.14 -2.79
CA VAL A 12 -1.58 -2.30 -1.95
C VAL A 12 -0.77 -3.56 -2.26
N ILE A 13 0.44 -3.64 -1.80
CA ILE A 13 1.25 -4.86 -2.09
C ILE A 13 0.96 -5.91 -1.02
N TYR A 14 -0.24 -6.40 -0.98
CA TYR A 14 -0.61 -7.43 0.03
C TYR A 14 -0.28 -6.92 1.43
N GLY A 1 -2.41 4.34 4.31
CA GLY A 1 -1.30 3.35 4.43
C GLY A 1 -1.77 2.00 3.90
N CYS A 2 -2.26 1.96 2.68
CA CYS A 2 -2.73 0.67 2.10
C CYS A 2 -1.60 -0.36 2.13
N CYS A 3 -0.55 -0.15 1.38
CA CYS A 3 0.58 -1.12 1.39
C CYS A 3 1.27 -1.07 2.76
N PRO A 4 2.12 -2.03 3.01
CA PRO A 4 2.84 -2.07 4.30
C PRO A 4 4.01 -1.08 4.24
N ALA A 5 4.34 -0.62 3.06
CA ALA A 5 5.46 0.35 2.91
C ALA A 5 5.40 1.46 3.97
N PRO A 6 4.28 2.14 4.08
CA PRO A 6 3.08 1.89 3.25
C PRO A 6 3.06 2.77 2.00
N LEU A 7 2.22 2.45 1.04
CA LEU A 7 2.14 3.27 -0.19
C LEU A 7 0.68 3.54 -0.57
N THR A 8 0.47 4.41 -1.51
CA THR A 8 -0.92 4.72 -1.94
C THR A 8 -1.76 3.44 -2.03
N CYS A 9 -3.05 3.55 -2.09
CA CYS A 9 -3.90 2.33 -2.20
C CYS A 9 -3.83 1.76 -3.61
N HIS A 10 -3.07 2.40 -4.47
CA HIS A 10 -2.93 1.89 -5.86
C HIS A 10 -1.75 0.91 -5.89
N CYS A 11 -0.93 0.94 -4.87
CA CYS A 11 0.23 0.02 -4.81
C CYS A 11 -0.20 -1.27 -4.08
N VAL A 12 -0.99 -1.10 -3.04
CA VAL A 12 -1.49 -2.25 -2.23
C VAL A 12 -0.57 -3.49 -2.38
N ILE A 13 0.37 -3.65 -1.50
CA ILE A 13 1.27 -4.84 -1.61
C ILE A 13 0.64 -6.02 -0.87
N TYR A 14 -0.63 -5.93 -0.57
CA TYR A 14 -1.32 -7.03 0.14
C TYR A 14 -2.78 -6.65 0.41
N GLY A 1 -1.04 5.27 3.31
CA GLY A 1 -0.97 4.26 2.22
C GLY A 1 -1.57 2.94 2.71
N CYS A 2 -2.27 2.23 1.86
CA CYS A 2 -2.87 0.94 2.30
C CYS A 2 -1.83 -0.18 2.25
N CYS A 3 -0.74 0.01 1.55
CA CYS A 3 0.29 -1.09 1.51
C CYS A 3 0.98 -1.17 2.87
N PRO A 4 1.75 -2.20 3.06
CA PRO A 4 2.51 -2.37 4.32
C PRO A 4 3.71 -1.44 4.33
N ALA A 5 4.01 -0.86 3.20
CA ALA A 5 5.17 0.07 3.10
C ALA A 5 5.19 1.08 4.26
N PRO A 6 4.11 1.82 4.42
CA PRO A 6 2.93 1.73 3.54
C PRO A 6 3.01 2.70 2.37
N LEU A 7 2.30 2.41 1.31
CA LEU A 7 2.30 3.30 0.12
C LEU A 7 0.86 3.60 -0.31
N THR A 8 0.67 4.51 -1.22
CA THR A 8 -0.71 4.86 -1.68
C THR A 8 -1.58 3.59 -1.74
N CYS A 9 -2.87 3.74 -1.68
CA CYS A 9 -3.75 2.55 -1.73
C CYS A 9 -3.86 2.02 -3.15
N HIS A 10 -3.16 2.62 -4.06
CA HIS A 10 -3.18 2.11 -5.46
C HIS A 10 -2.09 1.05 -5.59
N CYS A 11 -1.20 1.02 -4.63
CA CYS A 11 -0.10 0.02 -4.63
C CYS A 11 -0.56 -1.24 -3.88
N VAL A 12 -1.18 -1.04 -2.75
CA VAL A 12 -1.66 -2.17 -1.90
C VAL A 12 -0.82 -3.44 -2.15
N ILE A 13 0.26 -3.59 -1.43
CA ILE A 13 1.10 -4.81 -1.64
C ILE A 13 0.63 -5.94 -0.72
N TYR A 14 0.44 -7.11 -1.25
CA TYR A 14 -0.02 -8.25 -0.40
C TYR A 14 0.73 -8.27 0.93
N GLY A 1 -1.58 5.19 3.68
CA GLY A 1 -0.76 4.02 4.10
C GLY A 1 -1.50 2.72 3.75
N CYS A 2 -1.80 2.51 2.49
CA CYS A 2 -2.51 1.27 2.09
C CYS A 2 -1.53 0.10 2.00
N CYS A 3 -0.57 0.17 1.11
CA CYS A 3 0.41 -0.94 0.98
C CYS A 3 1.03 -1.20 2.36
N PRO A 4 1.79 -2.26 2.46
CA PRO A 4 2.46 -2.57 3.75
C PRO A 4 3.66 -1.63 3.92
N ALA A 5 4.03 -0.96 2.85
CA ALA A 5 5.17 -0.01 2.90
C ALA A 5 5.11 0.91 4.13
N PRO A 6 3.99 1.56 4.35
CA PRO A 6 2.79 1.46 3.48
C PRO A 6 2.79 2.52 2.39
N LEU A 7 1.98 2.35 1.38
CA LEU A 7 1.91 3.36 0.29
C LEU A 7 0.46 3.63 -0.09
N THR A 8 0.24 4.16 -1.27
CA THR A 8 -1.15 4.45 -1.72
C THR A 8 -1.94 3.15 -1.89
N CYS A 9 -3.24 3.24 -2.01
CA CYS A 9 -4.06 2.00 -2.20
C CYS A 9 -3.90 1.47 -3.61
N HIS A 10 -3.17 2.15 -4.44
CA HIS A 10 -2.95 1.65 -5.82
C HIS A 10 -1.72 0.74 -5.83
N CYS A 11 -0.82 0.98 -4.92
CA CYS A 11 0.40 0.12 -4.83
C CYS A 11 0.12 -1.05 -3.88
N VAL A 12 -0.96 -0.96 -3.12
CA VAL A 12 -1.32 -2.02 -2.13
C VAL A 12 -0.61 -3.34 -2.44
N ILE A 13 0.47 -3.62 -1.75
CA ILE A 13 1.20 -4.88 -2.01
C ILE A 13 0.66 -6.02 -1.14
N TYR A 14 -0.03 -5.69 -0.07
CA TYR A 14 -0.59 -6.76 0.81
C TYR A 14 0.55 -7.56 1.45
N GLY A 1 -1.56 5.24 5.00
CA GLY A 1 -0.69 4.28 4.26
C GLY A 1 -1.48 3.01 3.94
N CYS A 2 -1.74 2.76 2.68
CA CYS A 2 -2.51 1.54 2.31
C CYS A 2 -1.59 0.32 2.28
N CYS A 3 -0.68 0.29 1.35
CA CYS A 3 0.26 -0.88 1.28
C CYS A 3 0.93 -1.07 2.64
N PRO A 4 1.59 -2.18 2.81
CA PRO A 4 2.30 -2.45 4.09
C PRO A 4 3.57 -1.58 4.14
N ALA A 5 3.86 -0.91 3.06
CA ALA A 5 5.06 -0.03 2.98
C ALA A 5 5.09 1.00 4.13
N PRO A 6 4.03 1.78 4.26
CA PRO A 6 2.84 1.69 3.37
C PRO A 6 2.96 2.62 2.16
N LEU A 7 2.05 2.49 1.22
CA LEU A 7 2.08 3.37 0.02
C LEU A 7 0.65 3.67 -0.44
N THR A 8 0.50 4.32 -1.56
CA THR A 8 -0.87 4.65 -2.06
C THR A 8 -1.75 3.38 -2.07
N CYS A 9 -3.05 3.56 -2.09
CA CYS A 9 -3.96 2.38 -2.10
C CYS A 9 -3.92 1.69 -3.46
N HIS A 10 -3.23 2.26 -4.41
CA HIS A 10 -3.14 1.63 -5.75
C HIS A 10 -1.96 0.66 -5.77
N CYS A 11 -1.06 0.81 -4.83
CA CYS A 11 0.12 -0.09 -4.76
C CYS A 11 -0.20 -1.29 -3.88
N VAL A 12 -1.18 -1.15 -3.00
CA VAL A 12 -1.57 -2.24 -2.05
C VAL A 12 -0.68 -3.49 -2.20
N ILE A 13 0.41 -3.54 -1.50
CA ILE A 13 1.29 -4.74 -1.63
C ILE A 13 0.82 -5.79 -0.64
N TYR A 14 0.30 -6.88 -1.15
CA TYR A 14 -0.20 -7.96 -0.26
C TYR A 14 0.74 -8.16 0.93
N GLY A 1 -2.00 5.06 4.57
CA GLY A 1 -1.03 3.94 4.65
C GLY A 1 -1.68 2.67 4.08
N CYS A 2 -1.83 2.59 2.79
CA CYS A 2 -2.45 1.39 2.19
C CYS A 2 -1.44 0.23 2.12
N CYS A 3 -0.55 0.27 1.17
CA CYS A 3 0.46 -0.84 1.06
C CYS A 3 1.08 -1.06 2.45
N PRO A 4 1.80 -2.15 2.58
CA PRO A 4 2.48 -2.44 3.86
C PRO A 4 3.70 -1.53 4.00
N ALA A 5 3.99 -0.76 2.97
CA ALA A 5 5.15 0.16 2.99
C ALA A 5 5.07 1.17 4.15
N PRO A 6 3.97 1.90 4.25
CA PRO A 6 2.82 1.77 3.31
C PRO A 6 2.93 2.74 2.14
N LEU A 7 2.09 2.55 1.15
CA LEU A 7 2.11 3.46 -0.03
C LEU A 7 0.67 3.75 -0.50
N THR A 8 0.51 4.46 -1.58
CA THR A 8 -0.87 4.74 -2.08
C THR A 8 -1.73 3.47 -2.03
N CYS A 9 -3.01 3.59 -2.22
CA CYS A 9 -3.88 2.38 -2.18
C CYS A 9 -3.85 1.65 -3.52
N HIS A 10 -3.13 2.18 -4.48
CA HIS A 10 -3.04 1.50 -5.80
C HIS A 10 -1.86 0.53 -5.77
N CYS A 11 -0.92 0.78 -4.89
CA CYS A 11 0.25 -0.11 -4.77
C CYS A 11 -0.04 -1.18 -3.71
N VAL A 12 -1.09 -0.98 -2.92
CA VAL A 12 -1.46 -1.94 -1.83
C VAL A 12 -0.80 -3.31 -2.05
N ILE A 13 0.31 -3.55 -1.42
CA ILE A 13 1.00 -4.86 -1.60
C ILE A 13 0.50 -5.87 -0.57
N TYR A 14 -0.02 -6.98 -1.03
CA TYR A 14 -0.52 -8.01 -0.08
C TYR A 14 0.07 -9.37 -0.42
N GLY A 1 -2.21 4.73 4.55
CA GLY A 1 -1.19 3.66 4.65
C GLY A 1 -1.75 2.36 4.08
N CYS A 2 -1.96 2.30 2.79
CA CYS A 2 -2.52 1.05 2.19
C CYS A 2 -1.43 -0.02 2.09
N CYS A 3 -0.54 0.10 1.14
CA CYS A 3 0.54 -0.94 1.02
C CYS A 3 1.15 -1.16 2.40
N PRO A 4 1.97 -2.16 2.52
CA PRO A 4 2.64 -2.44 3.80
C PRO A 4 3.80 -1.47 3.99
N ALA A 5 4.12 -0.72 2.97
CA ALA A 5 5.22 0.27 3.06
C ALA A 5 5.05 1.22 4.24
N PRO A 6 3.89 1.86 4.35
CA PRO A 6 2.78 1.69 3.37
C PRO A 6 2.90 2.65 2.19
N LEU A 7 2.07 2.48 1.20
CA LEU A 7 2.11 3.38 0.01
C LEU A 7 0.68 3.69 -0.46
N THR A 8 0.54 4.41 -1.54
CA THR A 8 -0.82 4.72 -2.04
C THR A 8 -1.71 3.48 -1.99
N CYS A 9 -2.99 3.62 -2.21
CA CYS A 9 -3.89 2.45 -2.17
C CYS A 9 -3.93 1.75 -3.53
N HIS A 10 -3.16 2.22 -4.46
CA HIS A 10 -3.13 1.57 -5.81
C HIS A 10 -1.98 0.56 -5.84
N CYS A 11 -0.99 0.76 -5.02
CA CYS A 11 0.16 -0.19 -4.98
C CYS A 11 -0.20 -1.39 -4.10
N VAL A 12 -0.87 -1.12 -3.01
CA VAL A 12 -1.28 -2.18 -2.05
C VAL A 12 -0.49 -3.48 -2.22
N ILE A 13 0.64 -3.60 -1.57
CA ILE A 13 1.41 -4.88 -1.69
C ILE A 13 0.90 -5.83 -0.62
N TYR A 14 -0.37 -6.14 -0.69
CA TYR A 14 -1.02 -7.03 0.31
C TYR A 14 -0.01 -8.04 0.89
N GLY A 1 -5.17 -0.90 4.60
CA GLY A 1 -5.83 -1.19 3.31
C GLY A 1 -4.84 -0.98 2.16
N CYS A 2 -4.03 0.03 2.26
CA CYS A 2 -3.04 0.28 1.17
C CYS A 2 -1.89 -0.72 1.26
N CYS A 3 -0.67 -0.27 1.13
CA CYS A 3 0.48 -1.22 1.21
C CYS A 3 1.07 -1.23 2.63
N PRO A 4 1.97 -2.14 2.86
CA PRO A 4 2.62 -2.27 4.18
C PRO A 4 3.73 -1.21 4.29
N ALA A 5 4.19 -0.72 3.17
CA ALA A 5 5.26 0.32 3.16
C ALA A 5 5.13 1.28 4.35
N PRO A 6 3.99 1.93 4.48
CA PRO A 6 2.87 1.76 3.54
C PRO A 6 2.93 2.77 2.39
N LEU A 7 2.29 2.45 1.30
CA LEU A 7 2.29 3.36 0.12
C LEU A 7 0.84 3.70 -0.26
N THR A 8 0.65 4.46 -1.29
CA THR A 8 -0.75 4.80 -1.70
C THR A 8 -1.60 3.54 -1.68
N CYS A 9 -2.89 3.66 -1.57
CA CYS A 9 -3.76 2.45 -1.55
C CYS A 9 -3.87 1.86 -2.96
N HIS A 10 -3.22 2.47 -3.92
CA HIS A 10 -3.27 1.94 -5.31
C HIS A 10 -2.14 0.92 -5.49
N CYS A 11 -1.17 0.96 -4.62
CA CYS A 11 -0.02 0.01 -4.70
C CYS A 11 -0.38 -1.25 -3.91
N VAL A 12 -1.03 -1.07 -2.78
CA VAL A 12 -1.44 -2.22 -1.91
C VAL A 12 -0.58 -3.46 -2.15
N ILE A 13 0.51 -3.60 -1.45
CA ILE A 13 1.37 -4.81 -1.64
C ILE A 13 0.91 -5.92 -0.70
N TYR A 14 -0.31 -6.35 -0.84
CA TYR A 14 -0.83 -7.44 0.04
C TYR A 14 -0.58 -7.09 1.51
N GLY A 1 -1.84 4.88 5.14
CA GLY A 1 -1.01 4.12 4.17
C GLY A 1 -1.72 2.81 3.81
N CYS A 2 -1.77 2.48 2.54
CA CYS A 2 -2.45 1.21 2.13
C CYS A 2 -1.44 0.05 2.11
N CYS A 3 -0.44 0.13 1.29
CA CYS A 3 0.58 -0.96 1.24
C CYS A 3 1.24 -1.07 2.63
N PRO A 4 2.08 -2.06 2.80
CA PRO A 4 2.77 -2.22 4.11
C PRO A 4 3.89 -1.19 4.24
N ALA A 5 4.26 -0.59 3.15
CA ALA A 5 5.34 0.44 3.17
C ALA A 5 5.14 1.45 4.32
N PRO A 6 3.97 2.03 4.42
CA PRO A 6 2.84 1.77 3.49
C PRO A 6 2.90 2.65 2.25
N LEU A 7 2.09 2.37 1.26
CA LEU A 7 2.09 3.22 0.04
C LEU A 7 0.66 3.49 -0.43
N THR A 8 0.51 4.36 -1.40
CA THR A 8 -0.85 4.69 -1.92
C THR A 8 -1.72 3.43 -2.00
N CYS A 9 -3.01 3.60 -2.09
CA CYS A 9 -3.91 2.41 -2.18
C CYS A 9 -3.88 1.84 -3.60
N HIS A 10 -3.09 2.43 -4.47
CA HIS A 10 -3.00 1.90 -5.85
C HIS A 10 -1.88 0.85 -5.88
N CYS A 11 -0.99 0.92 -4.94
CA CYS A 11 0.11 -0.08 -4.87
C CYS A 11 -0.37 -1.26 -4.03
N VAL A 12 -1.15 -0.96 -3.01
CA VAL A 12 -1.70 -2.01 -2.09
C VAL A 12 -0.96 -3.35 -2.24
N ILE A 13 -0.07 -3.64 -1.34
CA ILE A 13 0.68 -4.93 -1.44
C ILE A 13 -0.08 -6.03 -0.71
N TYR A 14 0.25 -7.27 -0.96
CA TYR A 14 -0.46 -8.40 -0.29
C TYR A 14 -0.69 -8.07 1.19
N GLY A 1 -1.62 3.74 5.97
CA GLY A 1 -1.48 3.66 4.49
C GLY A 1 -2.07 2.34 3.99
N CYS A 2 -2.00 2.11 2.71
CA CYS A 2 -2.57 0.84 2.16
C CYS A 2 -1.51 -0.27 2.14
N CYS A 3 -0.51 -0.14 1.32
CA CYS A 3 0.56 -1.19 1.28
C CYS A 3 1.27 -1.24 2.63
N PRO A 4 2.05 -2.27 2.85
CA PRO A 4 2.80 -2.40 4.10
C PRO A 4 3.96 -1.39 4.11
N ALA A 5 4.17 -0.73 3.00
CA ALA A 5 5.27 0.28 2.91
C ALA A 5 5.21 1.27 4.07
N PRO A 6 4.10 1.96 4.23
CA PRO A 6 2.94 1.81 3.33
C PRO A 6 2.98 2.79 2.16
N LEU A 7 2.27 2.49 1.11
CA LEU A 7 2.24 3.40 -0.06
C LEU A 7 0.79 3.71 -0.47
N THR A 8 0.61 4.38 -1.57
CA THR A 8 -0.77 4.71 -2.02
C THR A 8 -1.64 3.44 -2.06
N CYS A 9 -2.93 3.58 -2.12
CA CYS A 9 -3.82 2.38 -2.17
C CYS A 9 -3.80 1.78 -3.56
N HIS A 10 -3.06 2.36 -4.47
CA HIS A 10 -2.97 1.79 -5.84
C HIS A 10 -1.82 0.79 -5.87
N CYS A 11 -0.96 0.84 -4.89
CA CYS A 11 0.17 -0.11 -4.83
C CYS A 11 -0.24 -1.35 -4.04
N VAL A 12 -1.14 -1.16 -3.09
CA VAL A 12 -1.65 -2.28 -2.23
C VAL A 12 -0.78 -3.54 -2.35
N ILE A 13 0.36 -3.55 -1.73
CA ILE A 13 1.22 -4.76 -1.84
C ILE A 13 0.84 -5.77 -0.74
N TYR A 14 -0.43 -6.03 -0.63
CA TYR A 14 -0.93 -6.99 0.40
C TYR A 14 -0.07 -6.94 1.66
N GLY A 1 -1.54 5.30 3.52
CA GLY A 1 -0.84 4.10 4.06
C GLY A 1 -1.64 2.84 3.72
N CYS A 2 -1.77 2.54 2.46
CA CYS A 2 -2.56 1.34 2.06
C CYS A 2 -1.65 0.11 1.97
N CYS A 3 -0.59 0.19 1.22
CA CYS A 3 0.33 -0.99 1.13
C CYS A 3 0.97 -1.22 2.50
N PRO A 4 1.84 -2.18 2.58
CA PRO A 4 2.54 -2.46 3.84
C PRO A 4 3.71 -1.49 3.98
N ALA A 5 4.08 -0.85 2.89
CA ALA A 5 5.19 0.12 2.92
C ALA A 5 5.11 1.05 4.14
N PRO A 6 3.98 1.68 4.35
CA PRO A 6 2.79 1.54 3.48
C PRO A 6 2.77 2.60 2.38
N LEU A 7 2.08 2.34 1.30
CA LEU A 7 2.01 3.33 0.18
C LEU A 7 0.55 3.61 -0.19
N THR A 8 0.34 4.28 -1.30
CA THR A 8 -1.05 4.59 -1.73
C THR A 8 -1.88 3.31 -1.85
N CYS A 9 -3.16 3.45 -2.08
CA CYS A 9 -4.04 2.24 -2.21
C CYS A 9 -3.90 1.65 -3.60
N HIS A 10 -3.11 2.26 -4.45
CA HIS A 10 -2.91 1.70 -5.80
C HIS A 10 -1.73 0.73 -5.76
N CYS A 11 -0.83 0.94 -4.82
CA CYS A 11 0.33 0.04 -4.69
C CYS A 11 0.02 -1.11 -3.72
N VAL A 12 -1.04 -0.98 -2.96
CA VAL A 12 -1.41 -2.03 -1.94
C VAL A 12 -0.81 -3.39 -2.30
N ILE A 13 0.35 -3.68 -1.79
CA ILE A 13 1.00 -4.99 -2.11
C ILE A 13 0.92 -5.94 -0.91
N TYR A 14 -0.23 -6.47 -0.64
CA TYR A 14 -0.39 -7.40 0.52
C TYR A 14 0.53 -8.62 0.33
N GLY A 1 -1.39 4.06 4.03
CA GLY A 1 -1.71 3.56 2.66
C GLY A 1 -2.16 2.10 2.73
N CYS A 2 -2.55 1.54 1.62
CA CYS A 2 -2.99 0.11 1.64
C CYS A 2 -1.79 -0.82 1.63
N CYS A 3 -0.62 -0.34 1.28
CA CYS A 3 0.58 -1.24 1.29
C CYS A 3 1.16 -1.30 2.71
N PRO A 4 2.11 -2.18 2.88
CA PRO A 4 2.77 -2.32 4.20
C PRO A 4 3.84 -1.24 4.36
N ALA A 5 4.38 -0.80 3.26
CA ALA A 5 5.43 0.27 3.29
C ALA A 5 5.17 1.29 4.41
N PRO A 6 4.02 1.92 4.39
CA PRO A 6 2.97 1.68 3.37
C PRO A 6 3.14 2.61 2.18
N LEU A 7 2.33 2.42 1.16
CA LEU A 7 2.40 3.30 -0.03
C LEU A 7 1.00 3.70 -0.46
N THR A 8 0.87 4.50 -1.48
CA THR A 8 -0.49 4.91 -1.94
C THR A 8 -1.42 3.71 -1.88
N CYS A 9 -2.69 3.91 -1.66
CA CYS A 9 -3.61 2.74 -1.58
C CYS A 9 -3.79 2.11 -2.95
N HIS A 10 -3.18 2.66 -3.95
CA HIS A 10 -3.30 2.05 -5.30
C HIS A 10 -2.17 1.03 -5.47
N CYS A 11 -1.22 1.05 -4.55
CA CYS A 11 -0.09 0.09 -4.61
C CYS A 11 -0.46 -1.17 -3.83
N VAL A 12 -1.03 -0.99 -2.66
CA VAL A 12 -1.42 -2.14 -1.78
C VAL A 12 -0.64 -3.40 -2.13
N ILE A 13 0.51 -3.59 -1.56
CA ILE A 13 1.29 -4.82 -1.90
C ILE A 13 0.89 -5.98 -0.98
N TYR A 14 -0.34 -5.99 -0.52
CA TYR A 14 -0.80 -7.07 0.38
C TYR A 14 0.00 -7.05 1.68
N GLY A 1 -2.23 4.80 5.20
CA GLY A 1 -1.27 3.99 4.40
C GLY A 1 -1.97 2.70 3.94
N CYS A 2 -1.96 2.43 2.67
CA CYS A 2 -2.63 1.19 2.17
C CYS A 2 -1.64 0.02 2.16
N CYS A 3 -0.61 0.11 1.36
CA CYS A 3 0.39 -1.01 1.34
C CYS A 3 1.11 -1.06 2.68
N PRO A 4 1.81 -2.14 2.91
CA PRO A 4 2.57 -2.30 4.17
C PRO A 4 3.82 -1.40 4.12
N ALA A 5 4.06 -0.79 3.00
CA ALA A 5 5.25 0.11 2.85
C ALA A 5 5.33 1.13 4.01
N PRO A 6 4.28 1.90 4.21
CA PRO A 6 3.05 1.82 3.39
C PRO A 6 3.10 2.76 2.19
N LEU A 7 2.34 2.46 1.18
CA LEU A 7 2.31 3.32 -0.04
C LEU A 7 0.87 3.73 -0.35
N THR A 8 0.61 4.17 -1.55
CA THR A 8 -0.78 4.58 -1.91
C THR A 8 -1.69 3.37 -1.95
N CYS A 9 -2.97 3.57 -2.16
CA CYS A 9 -3.92 2.42 -2.20
C CYS A 9 -3.89 1.76 -3.58
N HIS A 10 -3.16 2.32 -4.50
CA HIS A 10 -3.06 1.71 -5.85
C HIS A 10 -1.89 0.73 -5.84
N CYS A 11 -1.03 0.84 -4.86
CA CYS A 11 0.13 -0.08 -4.77
C CYS A 11 -0.25 -1.30 -3.93
N VAL A 12 -1.19 -1.13 -3.03
CA VAL A 12 -1.65 -2.23 -2.12
C VAL A 12 -0.79 -3.49 -2.26
N ILE A 13 0.35 -3.53 -1.62
CA ILE A 13 1.21 -4.73 -1.74
C ILE A 13 0.80 -5.74 -0.66
N TYR A 14 -0.10 -6.63 -1.00
CA TYR A 14 -0.58 -7.64 -0.01
C TYR A 14 0.55 -8.08 0.92
#